data_3ATG
#
_entry.id   3ATG
#
_cell.length_a   71.309
_cell.length_b   71.309
_cell.length_c   60.069
_cell.angle_alpha   90.00
_cell.angle_beta   90.00
_cell.angle_gamma   90.00
#
_symmetry.space_group_name_H-M   'P 43'
#
loop_
_entity.id
_entity.type
_entity.pdbx_description
1 polymer GLUCANASE
2 non-polymer 'PHOSPHATE ION'
3 non-polymer GLYCEROL
4 non-polymer 'CALCIUM ION'
5 water water
#
_entity_poly.entity_id   1
_entity_poly.type   'polypeptide(L)'
_entity_poly.pdbx_seq_one_letter_code
;APGDLLWSDEFDGAAGSAPNPAVWNHETGAHGWGNAELQNYTASRANSALDGQGNLVITARREGDGSYTSARMTTQGKYQ
PQYGRIEARIQIPRGQGIWPAFWMLGGSFPGTPWPSSGEIDIMENVGFEPHRVHGTVHGPGYSGGSGITGMYQHPQGWSF
ADTFHTFAVDWKPGEITWFVDGQQFHRVTRASVGANAWVFDQPFFLILNVAVGGQWPGYPDGTTQLPQQMKVDYVRVYDN
GSGSSNPGNPGTGLPT
;
_entity_poly.pdbx_strand_id   A
#
# COMPACT_ATOMS: atom_id res chain seq x y z
N ALA A 1 16.79 -14.78 14.60
CA ALA A 1 15.69 -15.10 15.49
C ALA A 1 14.39 -14.44 15.02
N PRO A 2 13.25 -15.10 15.26
CA PRO A 2 11.96 -14.48 14.94
C PRO A 2 11.87 -13.13 15.64
N GLY A 3 11.36 -12.12 14.91
CA GLY A 3 11.23 -10.80 15.47
C GLY A 3 12.43 -9.89 15.19
N ASP A 4 13.51 -10.48 14.66
CA ASP A 4 14.66 -9.66 14.26
C ASP A 4 14.24 -8.81 13.08
N LEU A 5 14.71 -7.56 13.06
CA LEU A 5 14.47 -6.71 11.90
C LEU A 5 15.46 -7.08 10.80
N LEU A 6 14.95 -7.55 9.67
CA LEU A 6 15.80 -8.01 8.56
C LEU A 6 16.17 -6.89 7.60
N TRP A 7 15.25 -5.95 7.40
CA TRP A 7 15.45 -4.89 6.44
C TRP A 7 14.49 -3.76 6.76
N SER A 8 14.92 -2.52 6.55
CA SER A 8 13.96 -1.42 6.64
C SER A 8 14.40 -0.21 5.87
N ASP A 9 13.42 0.63 5.57
CA ASP A 9 13.68 2.02 5.24
C ASP A 9 13.01 2.85 6.34
N GLU A 10 13.82 3.56 7.14
CA GLU A 10 13.28 4.39 8.21
C GLU A 10 13.03 5.83 7.80
N PHE A 11 13.33 6.15 6.54
CA PHE A 11 13.11 7.49 5.98
C PHE A 11 13.81 8.58 6.77
N ASP A 12 15.05 8.30 7.15
CA ASP A 12 15.88 9.29 7.81
C ASP A 12 16.37 10.28 6.77
N GLY A 13 16.53 11.53 7.20
CA GLY A 13 17.07 12.53 6.28
C GLY A 13 16.48 13.90 6.55
N ALA A 14 17.12 14.92 5.95
CA ALA A 14 16.68 16.28 6.15
C ALA A 14 15.41 16.59 5.36
N ALA A 15 14.67 17.58 5.83
CA ALA A 15 13.48 18.05 5.11
C ALA A 15 13.83 18.40 3.68
N GLY A 16 13.04 17.88 2.74
CA GLY A 16 13.23 18.20 1.34
C GLY A 16 14.10 17.20 0.59
N SER A 17 14.66 16.21 1.30
CA SER A 17 15.43 15.14 0.66
C SER A 17 14.54 14.27 -0.20
N ALA A 18 15.15 13.66 -1.21
CA ALA A 18 14.43 12.69 -2.03
C ALA A 18 14.44 11.35 -1.31
N PRO A 19 13.48 10.50 -1.61
CA PRO A 19 13.56 9.11 -1.14
C PRO A 19 14.83 8.45 -1.67
N ASN A 20 15.29 7.41 -1.02
CA ASN A 20 16.55 6.76 -1.38
C ASN A 20 16.42 5.96 -2.68
N PRO A 21 17.10 6.39 -3.74
CA PRO A 21 17.00 5.72 -5.05
C PRO A 21 17.59 4.32 -5.07
N ALA A 22 18.37 3.95 -4.06
CA ALA A 22 18.90 2.60 -4.00
C ALA A 22 17.81 1.62 -3.59
N VAL A 23 16.72 2.17 -3.07
CA VAL A 23 15.57 1.37 -2.62
C VAL A 23 14.35 1.56 -3.51
N TRP A 24 14.09 2.80 -3.93
CA TRP A 24 12.81 3.15 -4.55
C TRP A 24 12.93 3.61 -6.00
N ASN A 25 11.98 3.15 -6.82
CA ASN A 25 11.75 3.68 -8.15
C ASN A 25 10.55 4.59 -8.09
N HIS A 26 10.50 5.59 -8.97
CA HIS A 26 9.26 6.34 -9.16
C HIS A 26 8.60 5.93 -10.46
N GLU A 27 7.37 5.45 -10.40
CA GLU A 27 6.58 5.23 -11.61
C GLU A 27 6.02 6.56 -12.05
N THR A 28 5.82 6.74 -13.34
CA THR A 28 5.35 8.04 -13.82
C THR A 28 4.24 7.94 -14.86
N GLY A 29 3.51 9.04 -14.99
CA GLY A 29 2.50 9.16 -16.03
C GLY A 29 1.07 9.05 -15.54
N ALA A 30 0.12 9.41 -16.41
CA ALA A 30 -1.30 9.40 -16.07
C ALA A 30 -2.06 8.39 -16.91
N HIS A 31 -1.36 7.36 -17.37
CA HIS A 31 -1.97 6.37 -18.25
C HIS A 31 -1.63 4.97 -17.82
N GLY A 32 -2.54 4.04 -18.07
CA GLY A 32 -2.28 2.63 -17.87
C GLY A 32 -2.48 2.09 -16.46
N TRP A 33 -2.87 2.94 -15.50
CA TRP A 33 -3.02 2.45 -14.12
C TRP A 33 -4.29 1.65 -13.90
N GLY A 34 -5.21 1.72 -14.86
CA GLY A 34 -6.47 1.03 -14.74
C GLY A 34 -7.40 1.75 -13.79
N ASN A 35 -8.59 1.19 -13.62
CA ASN A 35 -9.53 1.65 -12.62
C ASN A 35 -10.05 3.07 -12.85
N ALA A 36 -9.80 3.63 -14.03
CA ALA A 36 -10.21 5.00 -14.35
C ALA A 36 -9.69 6.04 -13.34
N GLU A 37 -8.44 5.86 -12.93
CA GLU A 37 -7.79 6.81 -12.03
C GLU A 37 -7.42 8.10 -12.76
N LEU A 38 -7.30 9.21 -12.02
CA LEU A 38 -7.04 10.50 -12.63
C LEU A 38 -5.59 10.94 -12.55
N GLN A 39 -4.85 10.46 -11.53
CA GLN A 39 -3.57 11.10 -11.23
C GLN A 39 -2.47 10.86 -12.25
N ASN A 40 -1.59 11.85 -12.35
CA ASN A 40 -0.34 11.75 -13.07
C ASN A 40 0.73 11.52 -12.01
N TYR A 41 1.30 10.33 -11.96
CA TYR A 41 2.41 10.07 -11.04
C TYR A 41 3.69 10.74 -11.53
N THR A 42 4.44 11.36 -10.62
CA THR A 42 5.66 12.06 -11.02
C THR A 42 6.82 11.65 -10.15
N ALA A 43 8.03 12.05 -10.57
CA ALA A 43 9.22 11.83 -9.76
C ALA A 43 9.62 13.11 -9.03
N SER A 44 8.76 14.12 -9.08
CA SER A 44 9.06 15.43 -8.47
C SER A 44 9.08 15.37 -6.95
N ARG A 45 9.97 16.12 -6.33
CA ARG A 45 9.92 16.22 -4.87
C ARG A 45 8.67 16.90 -4.37
N ALA A 46 7.90 17.54 -5.26
CA ALA A 46 6.62 18.12 -4.89
C ALA A 46 5.63 17.01 -4.50
N ASN A 47 5.86 15.79 -5.02
CA ASN A 47 4.96 14.69 -4.72
C ASN A 47 5.56 13.59 -3.84
N SER A 48 6.89 13.56 -3.71
CA SER A 48 7.48 12.65 -2.74
C SER A 48 8.82 13.18 -2.24
N ALA A 49 8.94 13.31 -0.93
CA ALA A 49 10.16 13.86 -0.30
C ALA A 49 10.12 13.49 1.16
N LEU A 50 11.27 13.56 1.83
CA LEU A 50 11.31 13.32 3.26
C LEU A 50 11.02 14.62 4.01
N ASP A 51 10.45 14.52 5.20
CA ASP A 51 10.02 15.73 5.92
C ASP A 51 10.98 16.22 7.00
N GLY A 52 12.07 15.51 7.20
CA GLY A 52 13.05 15.94 8.20
C GLY A 52 12.68 15.45 9.59
N GLN A 53 11.49 14.85 9.71
CA GLN A 53 11.01 14.32 10.98
C GLN A 53 11.00 12.78 10.97
N GLY A 54 11.64 12.20 9.95
CA GLY A 54 11.73 10.75 9.84
C GLY A 54 10.60 10.14 9.03
N ASN A 55 9.91 10.93 8.23
CA ASN A 55 8.83 10.39 7.39
C ASN A 55 9.06 10.65 5.92
N LEU A 56 8.71 9.66 5.09
CA LEU A 56 8.42 9.89 3.69
C LEU A 56 7.06 10.57 3.60
N VAL A 57 6.96 11.62 2.78
CA VAL A 57 5.65 12.21 2.53
C VAL A 57 5.35 12.09 1.05
N ILE A 58 4.25 11.40 0.72
CA ILE A 58 3.75 11.41 -0.65
C ILE A 58 2.58 12.39 -0.67
N THR A 59 2.61 13.34 -1.60
CA THR A 59 1.60 14.39 -1.64
C THR A 59 0.80 14.34 -2.93
N ALA A 60 -0.52 14.21 -2.80
CA ALA A 60 -1.43 14.37 -3.95
C ALA A 60 -1.85 15.82 -4.04
N ARG A 61 -1.72 16.40 -5.24
CA ARG A 61 -1.97 17.83 -5.45
C ARG A 61 -2.83 18.04 -6.67
N ARG A 62 -3.51 19.18 -6.70
CA ARG A 62 -4.12 19.64 -7.94
C ARG A 62 -3.22 20.74 -8.52
N GLU A 63 -2.86 20.59 -9.79
CA GLU A 63 -1.99 21.54 -10.46
C GLU A 63 -2.82 22.65 -11.09
N GLY A 64 -2.14 23.74 -11.45
CA GLY A 64 -2.82 24.87 -12.09
C GLY A 64 -3.61 24.49 -13.34
N ASP A 65 -3.15 23.49 -14.07
CA ASP A 65 -3.86 23.08 -15.29
C ASP A 65 -5.02 22.12 -15.04
N GLY A 66 -5.29 21.86 -13.77
CA GLY A 66 -6.43 21.04 -13.38
C GLY A 66 -6.10 19.56 -13.27
N SER A 67 -4.88 19.18 -13.64
CA SER A 67 -4.45 17.81 -13.47
C SER A 67 -4.16 17.53 -11.99
N TYR A 68 -4.11 16.25 -11.64
CA TYR A 68 -3.72 15.84 -10.30
C TYR A 68 -2.40 15.12 -10.39
N THR A 69 -1.49 15.43 -9.48
CA THR A 69 -0.21 14.73 -9.43
C THR A 69 -0.07 14.02 -8.10
N SER A 70 0.72 12.95 -8.10
CA SER A 70 0.98 12.20 -6.89
C SER A 70 2.24 11.39 -7.13
N ALA A 71 2.51 10.42 -6.26
CA ALA A 71 3.65 9.52 -6.46
C ALA A 71 3.24 8.07 -6.28
N ARG A 72 3.94 7.20 -7.02
CA ARG A 72 3.81 5.76 -6.91
C ARG A 72 5.22 5.20 -6.91
N MET A 73 5.65 4.71 -5.74
CA MET A 73 7.03 4.30 -5.54
C MET A 73 7.09 2.79 -5.38
N THR A 74 8.07 2.15 -6.01
CA THR A 74 8.21 0.70 -5.87
C THR A 74 9.64 0.31 -5.55
N THR A 75 9.81 -0.88 -4.98
CA THR A 75 11.16 -1.41 -4.79
C THR A 75 11.54 -2.46 -5.83
N GLN A 76 10.83 -2.51 -6.95
CA GLN A 76 11.12 -3.54 -7.95
C GLN A 76 12.59 -3.52 -8.37
N GLY A 77 13.20 -4.69 -8.40
CA GLY A 77 14.60 -4.83 -8.82
C GLY A 77 15.60 -4.32 -7.80
N LYS A 78 15.12 -3.84 -6.66
CA LYS A 78 16.00 -3.24 -5.64
C LYS A 78 15.88 -3.94 -4.29
N TYR A 79 14.65 -4.22 -3.86
CA TYR A 79 14.42 -5.05 -2.67
C TYR A 79 13.19 -5.90 -2.90
N GLN A 80 13.37 -7.22 -2.90
CA GLN A 80 12.27 -8.14 -3.18
C GLN A 80 12.22 -9.25 -2.14
N PRO A 81 11.57 -8.94 -1.01
CA PRO A 81 11.50 -9.92 0.08
C PRO A 81 10.67 -11.16 -0.31
N GLN A 82 10.97 -12.28 0.33
CA GLN A 82 10.14 -13.47 0.26
C GLN A 82 9.88 -13.94 1.68
N TYR A 83 8.65 -13.71 2.16
CA TYR A 83 8.22 -14.01 3.53
C TYR A 83 8.74 -13.02 4.56
N GLY A 84 8.13 -13.05 5.74
CA GLY A 84 8.46 -12.10 6.80
C GLY A 84 7.20 -11.35 7.21
N ARG A 85 7.29 -10.59 8.29
CA ARG A 85 6.21 -9.64 8.57
C ARG A 85 6.57 -8.35 7.89
N ILE A 86 5.80 -8.00 6.87
CA ILE A 86 6.01 -6.79 6.08
CA ILE A 86 6.05 -6.78 6.12
C ILE A 86 5.10 -5.72 6.65
N GLU A 87 5.69 -4.68 7.24
CA GLU A 87 4.91 -3.71 8.01
C GLU A 87 5.30 -2.28 7.67
N ALA A 88 4.30 -1.40 7.52
CA ALA A 88 4.58 0.03 7.38
C ALA A 88 3.80 0.79 8.43
N ARG A 89 4.36 1.88 8.93
CA ARG A 89 3.65 2.76 9.83
C ARG A 89 3.26 4.00 9.03
N ILE A 90 1.96 4.20 8.83
CA ILE A 90 1.48 5.19 7.87
C ILE A 90 0.39 6.07 8.48
N GLN A 91 0.47 7.37 8.23
CA GLN A 91 -0.67 8.26 8.45
C GLN A 91 -1.29 8.51 7.08
N ILE A 92 -2.45 7.90 6.82
CA ILE A 92 -3.05 8.02 5.50
C ILE A 92 -3.70 9.38 5.29
N PRO A 93 -3.85 9.79 4.02
CA PRO A 93 -4.55 11.04 3.70
C PRO A 93 -6.06 10.85 3.84
N ARG A 94 -6.82 11.92 3.60
CA ARG A 94 -8.27 11.84 3.73
C ARG A 94 -8.95 12.63 2.64
N GLY A 95 -10.22 12.33 2.40
CA GLY A 95 -11.01 13.13 1.49
C GLY A 95 -11.57 12.36 0.33
N GLN A 96 -12.70 12.85 -0.17
CA GLN A 96 -13.37 12.16 -1.27
C GLN A 96 -12.47 12.05 -2.50
N GLY A 97 -12.32 10.82 -2.99
CA GLY A 97 -11.57 10.58 -4.21
C GLY A 97 -10.14 10.18 -3.93
N ILE A 98 -9.72 10.22 -2.67
CA ILE A 98 -8.33 9.92 -2.35
C ILE A 98 -8.20 8.42 -2.05
N TRP A 99 -7.16 7.79 -2.58
CA TRP A 99 -7.04 6.32 -2.55
C TRP A 99 -5.59 5.90 -2.26
N PRO A 100 -5.18 5.92 -0.98
CA PRO A 100 -3.82 5.53 -0.60
C PRO A 100 -3.67 4.02 -0.51
N ALA A 101 -2.46 3.51 -0.73
CA ALA A 101 -2.23 2.07 -0.66
C ALA A 101 -0.79 1.72 -0.32
N PHE A 102 -0.64 0.58 0.35
CA PHE A 102 0.65 -0.05 0.59
C PHE A 102 0.45 -1.49 0.15
N TRP A 103 1.23 -1.93 -0.81
CA TRP A 103 0.94 -3.21 -1.46
C TRP A 103 2.17 -3.83 -2.11
N MET A 104 1.97 -4.97 -2.75
CA MET A 104 3.08 -5.72 -3.32
CA MET A 104 3.06 -5.77 -3.28
C MET A 104 2.67 -6.42 -4.60
N LEU A 105 3.62 -6.52 -5.52
CA LEU A 105 3.42 -7.29 -6.75
C LEU A 105 4.49 -8.37 -6.86
N GLY A 106 4.16 -9.50 -7.47
CA GLY A 106 5.15 -10.56 -7.59
C GLY A 106 6.36 -10.12 -8.39
N GLY A 107 7.54 -10.59 -7.98
CA GLY A 107 8.78 -10.25 -8.67
C GLY A 107 8.84 -10.69 -10.12
N SER A 108 8.02 -11.67 -10.50
CA SER A 108 8.01 -12.10 -11.89
C SER A 108 7.20 -11.18 -12.80
N PHE A 109 6.45 -10.26 -12.21
CA PHE A 109 5.75 -9.24 -13.01
C PHE A 109 6.77 -8.32 -13.69
N PRO A 110 6.55 -7.97 -14.99
CA PRO A 110 5.41 -8.24 -15.86
C PRO A 110 5.61 -9.40 -16.82
N GLY A 111 6.79 -10.02 -16.82
CA GLY A 111 7.02 -11.18 -17.67
C GLY A 111 5.99 -12.25 -17.44
N THR A 112 5.68 -12.51 -16.18
CA THR A 112 4.48 -13.24 -15.83
C THR A 112 3.43 -12.17 -15.60
N PRO A 113 2.34 -12.21 -16.39
N PRO A 113 2.37 -12.18 -16.43
CA PRO A 113 1.40 -11.10 -16.34
CA PRO A 113 1.35 -11.12 -16.41
C PRO A 113 0.59 -11.10 -15.06
C PRO A 113 0.48 -11.12 -15.15
N TRP A 114 -0.01 -9.96 -14.76
CA TRP A 114 -0.98 -9.86 -13.67
C TRP A 114 -2.27 -10.55 -14.15
N PRO A 115 -2.95 -11.31 -13.26
CA PRO A 115 -2.64 -11.55 -11.84
C PRO A 115 -1.87 -12.85 -11.58
N SER A 116 -1.36 -13.52 -12.60
CA SER A 116 -0.61 -14.74 -12.40
C SER A 116 0.66 -14.50 -11.59
N SER A 117 1.18 -13.28 -11.66
CA SER A 117 2.38 -12.99 -10.87
C SER A 117 2.04 -12.65 -9.42
N GLY A 118 0.76 -12.43 -9.15
CA GLY A 118 0.29 -12.20 -7.79
C GLY A 118 0.31 -10.74 -7.35
N GLU A 119 -0.65 -10.37 -6.51
CA GLU A 119 -0.67 -9.06 -5.88
C GLU A 119 -1.16 -9.21 -4.45
N ILE A 120 -0.47 -8.59 -3.51
CA ILE A 120 -0.88 -8.61 -2.10
C ILE A 120 -1.09 -7.17 -1.68
N ASP A 121 -2.34 -6.81 -1.42
CA ASP A 121 -2.63 -5.44 -0.96
C ASP A 121 -2.66 -5.44 0.56
N ILE A 122 -1.67 -4.80 1.16
CA ILE A 122 -1.52 -4.81 2.61
C ILE A 122 -2.50 -3.84 3.26
N MET A 123 -2.59 -2.64 2.69
CA MET A 123 -3.57 -1.66 3.14
C MET A 123 -4.07 -0.89 1.93
N GLU A 124 -5.38 -0.82 1.78
CA GLU A 124 -6.00 0.17 0.90
C GLU A 124 -7.07 0.89 1.67
N ASN A 125 -7.21 2.19 1.38
CA ASN A 125 -8.29 2.97 1.95
C ASN A 125 -8.92 3.79 0.84
N VAL A 126 -10.24 4.00 0.91
CA VAL A 126 -10.88 4.98 0.04
C VAL A 126 -11.45 6.10 0.88
N GLY A 127 -11.42 7.30 0.35
CA GLY A 127 -11.76 8.49 1.12
C GLY A 127 -13.15 8.49 1.76
N PHE A 128 -14.11 7.84 1.10
CA PHE A 128 -15.47 7.82 1.67
C PHE A 128 -15.62 6.84 2.82
N GLU A 129 -14.55 6.12 3.14
CA GLU A 129 -14.49 5.22 4.30
C GLU A 129 -13.34 5.59 5.22
N PRO A 130 -13.45 6.75 5.89
CA PRO A 130 -12.33 7.18 6.73
C PRO A 130 -12.04 6.24 7.90
N HIS A 131 -13.01 5.42 8.29
CA HIS A 131 -12.84 4.53 9.44
C HIS A 131 -12.52 3.08 9.04
N ARG A 132 -12.20 2.83 7.77
CA ARG A 132 -11.99 1.46 7.32
C ARG A 132 -10.77 1.30 6.46
N VAL A 133 -10.12 0.15 6.56
CA VAL A 133 -9.11 -0.24 5.55
C VAL A 133 -9.39 -1.65 5.07
N HIS A 134 -8.78 -2.00 3.95
CA HIS A 134 -8.99 -3.31 3.34
C HIS A 134 -7.67 -3.97 3.00
N GLY A 135 -7.64 -5.30 3.07
CA GLY A 135 -6.50 -6.10 2.64
C GLY A 135 -7.00 -7.17 1.69
N THR A 136 -6.23 -7.47 0.64
CA THR A 136 -6.72 -8.32 -0.44
C THR A 136 -5.57 -9.06 -1.09
N VAL A 137 -5.85 -10.24 -1.66
CA VAL A 137 -4.93 -10.82 -2.62
C VAL A 137 -5.62 -10.97 -3.98
N HIS A 138 -4.85 -10.76 -5.04
CA HIS A 138 -5.29 -11.06 -6.40
C HIS A 138 -4.39 -12.14 -6.99
N GLY A 139 -5.01 -13.16 -7.59
CA GLY A 139 -4.26 -14.21 -8.23
C GLY A 139 -5.08 -14.80 -9.36
N PRO A 140 -4.53 -15.79 -10.05
CA PRO A 140 -5.19 -16.37 -11.24
C PRO A 140 -6.46 -17.14 -10.88
N GLY A 141 -7.61 -16.61 -11.29
CA GLY A 141 -8.91 -17.18 -10.94
C GLY A 141 -9.53 -16.51 -9.73
N TYR A 142 -8.78 -15.60 -9.10
CA TYR A 142 -9.29 -14.84 -7.95
C TYR A 142 -8.73 -13.43 -7.95
N SER A 143 -9.12 -12.64 -8.95
CA SER A 143 -8.56 -11.30 -9.12
C SER A 143 -9.63 -10.27 -9.44
N GLY A 144 -9.27 -9.00 -9.23
CA GLY A 144 -10.19 -7.91 -9.51
C GLY A 144 -11.35 -7.94 -8.54
N GLY A 145 -12.57 -7.99 -9.09
CA GLY A 145 -13.74 -8.10 -8.25
C GLY A 145 -13.80 -9.43 -7.50
N SER A 146 -12.96 -10.38 -7.92
CA SER A 146 -12.91 -11.69 -7.28
C SER A 146 -11.68 -11.85 -6.42
N GLY A 147 -11.00 -10.73 -6.16
CA GLY A 147 -9.91 -10.74 -5.20
C GLY A 147 -10.43 -11.18 -3.85
N ILE A 148 -9.59 -11.85 -3.08
CA ILE A 148 -10.01 -12.37 -1.79
C ILE A 148 -9.68 -11.35 -0.71
N THR A 149 -10.71 -10.69 -0.19
CA THR A 149 -10.53 -9.45 0.56
C THR A 149 -11.15 -9.50 1.95
N GLY A 150 -10.61 -8.66 2.85
CA GLY A 150 -11.13 -8.50 4.19
C GLY A 150 -11.05 -7.04 4.60
N MET A 151 -11.81 -6.68 5.62
CA MET A 151 -11.95 -5.28 6.02
C MET A 151 -11.76 -5.14 7.53
N TYR A 152 -11.14 -4.05 7.94
CA TYR A 152 -10.99 -3.68 9.35
C TYR A 152 -11.58 -2.30 9.57
N GLN A 153 -12.44 -2.15 10.57
N GLN A 153 -12.39 -2.15 10.61
CA GLN A 153 -13.04 -0.85 10.82
CA GLN A 153 -12.93 -0.85 10.94
C GLN A 153 -12.62 -0.19 12.14
C GLN A 153 -12.73 -0.51 12.40
N HIS A 154 -12.18 1.06 12.03
N HIS A 154 -12.37 0.75 12.66
CA HIS A 154 -12.09 2.05 13.11
CA HIS A 154 -12.81 1.41 13.89
C HIS A 154 -10.73 2.75 13.31
C HIS A 154 -12.13 1.17 15.23
N PRO A 155 -10.24 2.97 14.55
N PRO A 155 -12.27 -0.04 15.80
CA PRO A 155 -10.56 2.64 15.94
CA PRO A 155 -12.63 -0.10 17.21
C PRO A 155 -11.70 3.47 16.51
C PRO A 155 -13.44 1.09 17.74
N GLN A 156 -12.54 2.84 17.33
N GLN A 156 -12.86 2.29 17.76
CA GLN A 156 -13.61 3.54 18.05
CA GLN A 156 -13.50 3.42 18.42
C GLN A 156 -14.35 4.57 17.18
C GLN A 156 -14.15 4.42 17.45
N GLY A 157 -14.59 4.22 15.93
N GLY A 157 -14.09 4.12 16.16
CA GLY A 157 -15.29 5.10 15.00
CA GLY A 157 -14.73 4.98 15.18
C GLY A 157 -14.44 6.27 14.53
C GLY A 157 -13.85 6.06 14.60
N TRP A 158 -13.12 6.16 14.71
N TRP A 158 -12.63 6.20 15.09
CA TRP A 158 -12.20 7.23 14.38
CA TRP A 158 -11.75 7.26 14.60
C TRP A 158 -11.64 7.10 12.97
C TRP A 158 -11.34 7.06 13.14
N SER A 159 -11.03 8.17 12.50
CA SER A 159 -10.49 8.15 11.15
C SER A 159 -9.04 7.76 11.23
N PHE A 160 -8.64 6.82 10.37
CA PHE A 160 -7.24 6.44 10.28
C PHE A 160 -6.34 7.63 9.95
N ALA A 161 -6.84 8.60 9.19
CA ALA A 161 -6.04 9.74 8.78
C ALA A 161 -5.60 10.65 9.94
N ASP A 162 -6.16 10.45 11.12
CA ASP A 162 -5.84 11.31 12.26
C ASP A 162 -4.40 11.14 12.77
N THR A 163 -3.83 9.94 12.60
CA THR A 163 -2.49 9.70 13.12
C THR A 163 -1.87 8.50 12.43
N PHE A 164 -0.68 8.11 12.87
CA PHE A 164 -0.02 6.94 12.30
C PHE A 164 -0.61 5.64 12.82
N HIS A 165 -0.77 4.67 11.93
CA HIS A 165 -1.15 3.32 12.30
C HIS A 165 -0.23 2.34 11.61
N THR A 166 -0.15 1.10 12.11
CA THR A 166 0.68 0.13 11.43
C THR A 166 -0.17 -0.80 10.57
N PHE A 167 0.37 -1.15 9.42
CA PHE A 167 -0.33 -2.04 8.50
C PHE A 167 0.65 -3.10 8.07
N ALA A 168 0.26 -4.37 8.25
CA ALA A 168 1.20 -5.46 7.98
C ALA A 168 0.56 -6.70 7.38
N VAL A 169 1.40 -7.49 6.70
CA VAL A 169 1.07 -8.91 6.48
C VAL A 169 2.15 -9.77 7.12
N ASP A 170 1.72 -10.80 7.83
CA ASP A 170 2.61 -11.85 8.32
C ASP A 170 2.56 -12.93 7.24
N TRP A 171 3.63 -13.02 6.46
CA TRP A 171 3.66 -13.78 5.22
C TRP A 171 4.61 -14.97 5.37
N LYS A 172 4.07 -16.18 5.17
CA LYS A 172 4.86 -17.40 5.30
C LYS A 172 4.51 -18.31 4.13
N PRO A 173 5.28 -19.38 3.93
CA PRO A 173 4.88 -20.32 2.88
C PRO A 173 3.42 -20.70 3.04
N GLY A 174 2.65 -20.52 1.97
CA GLY A 174 1.26 -20.93 1.93
C GLY A 174 0.26 -20.19 2.81
N GLU A 175 0.65 -19.06 3.38
CA GLU A 175 -0.28 -18.31 4.23
C GLU A 175 0.07 -16.83 4.34
N ILE A 176 -0.97 -16.00 4.33
CA ILE A 176 -0.81 -14.57 4.53
C ILE A 176 -1.86 -14.12 5.54
N THR A 177 -1.43 -13.40 6.58
CA THR A 177 -2.36 -12.90 7.58
C THR A 177 -2.16 -11.40 7.72
N TRP A 178 -3.26 -10.65 7.71
CA TRP A 178 -3.22 -9.19 7.76
C TRP A 178 -3.45 -8.64 9.15
N PHE A 179 -2.66 -7.62 9.52
CA PHE A 179 -2.77 -6.97 10.83
C PHE A 179 -2.79 -5.47 10.72
N VAL A 180 -3.75 -4.82 11.37
CA VAL A 180 -3.75 -3.37 11.54
CA VAL A 180 -3.71 -3.38 11.53
C VAL A 180 -3.47 -3.11 13.00
N ASP A 181 -2.45 -2.31 13.28
CA ASP A 181 -2.08 -2.05 14.66
C ASP A 181 -1.95 -3.36 15.46
N GLY A 182 -1.37 -4.37 14.82
CA GLY A 182 -1.09 -5.64 15.46
C GLY A 182 -2.31 -6.53 15.65
N GLN A 183 -3.43 -6.15 15.05
CA GLN A 183 -4.68 -6.88 15.20
C GLN A 183 -5.10 -7.57 13.92
N GLN A 184 -5.31 -8.89 13.99
CA GLN A 184 -5.65 -9.66 12.79
C GLN A 184 -7.02 -9.26 12.23
N PHE A 185 -7.12 -9.13 10.91
CA PHE A 185 -8.42 -8.82 10.28
C PHE A 185 -8.71 -9.61 9.01
N HIS A 186 -7.74 -10.35 8.51
CA HIS A 186 -7.91 -11.15 7.28
C HIS A 186 -6.83 -12.21 7.20
N ARG A 187 -7.15 -13.32 6.54
CA ARG A 187 -6.18 -14.39 6.37
C ARG A 187 -6.55 -15.20 5.13
N VAL A 188 -5.55 -15.56 4.35
CA VAL A 188 -5.75 -16.42 3.19
CA VAL A 188 -5.75 -16.40 3.17
C VAL A 188 -4.65 -17.46 3.15
N THR A 189 -5.01 -18.68 2.76
CA THR A 189 -4.04 -19.77 2.71
C THR A 189 -4.21 -20.53 1.41
N ARG A 190 -3.29 -21.46 1.15
CA ARG A 190 -3.39 -22.33 -0.02
CA ARG A 190 -3.39 -22.30 -0.04
C ARG A 190 -4.77 -22.96 -0.10
N ALA A 191 -5.34 -23.23 1.06
CA ALA A 191 -6.65 -23.88 1.12
C ALA A 191 -7.82 -22.97 0.77
N SER A 192 -7.64 -21.65 0.81
CA SER A 192 -8.77 -20.77 0.50
C SER A 192 -8.86 -20.21 -0.92
N VAL A 193 -7.95 -20.64 -1.80
CA VAL A 193 -8.01 -20.20 -3.19
C VAL A 193 -8.66 -21.24 -4.10
N GLY A 194 -9.32 -22.22 -3.49
CA GLY A 194 -9.98 -23.27 -4.25
C GLY A 194 -9.03 -24.07 -5.11
N ALA A 195 -9.46 -24.39 -6.33
CA ALA A 195 -8.65 -25.17 -7.25
C ALA A 195 -7.71 -24.29 -8.08
N ASN A 196 -7.59 -23.04 -7.67
CA ASN A 196 -6.73 -22.08 -8.35
C ASN A 196 -5.30 -22.18 -7.86
N ALA A 197 -4.35 -21.71 -8.66
CA ALA A 197 -2.96 -21.76 -8.28
C ALA A 197 -2.66 -20.75 -7.18
N TRP A 198 -1.89 -21.19 -6.19
CA TRP A 198 -1.34 -20.30 -5.17
C TRP A 198 -0.04 -19.70 -5.70
N VAL A 199 0.02 -18.37 -5.76
CA VAL A 199 1.15 -17.71 -6.43
C VAL A 199 1.99 -16.86 -5.48
N PHE A 200 1.88 -17.10 -4.18
CA PHE A 200 2.51 -16.23 -3.21
C PHE A 200 3.80 -16.76 -2.58
N ASP A 201 4.22 -17.95 -3.01
CA ASP A 201 5.48 -18.50 -2.53
C ASP A 201 6.65 -18.12 -3.45
N GLN A 202 6.91 -16.81 -3.55
CA GLN A 202 7.97 -16.27 -4.39
C GLN A 202 8.27 -14.85 -3.93
N PRO A 203 9.38 -14.26 -4.40
CA PRO A 203 9.66 -12.87 -4.01
C PRO A 203 8.65 -11.89 -4.57
N PHE A 204 8.38 -10.82 -3.81
CA PHE A 204 7.51 -9.73 -4.24
C PHE A 204 8.25 -8.42 -4.02
N PHE A 205 7.88 -7.38 -4.76
CA PHE A 205 8.39 -6.03 -4.45
C PHE A 205 7.30 -5.16 -3.84
N LEU A 206 7.72 -4.07 -3.18
CA LEU A 206 6.82 -3.25 -2.37
C LEU A 206 6.44 -1.98 -3.13
N ILE A 207 5.22 -1.50 -2.87
CA ILE A 207 4.70 -0.31 -3.53
CA ILE A 207 4.68 -0.32 -3.53
C ILE A 207 3.96 0.59 -2.52
N LEU A 208 4.21 1.89 -2.63
CA LEU A 208 3.46 2.91 -1.86
C LEU A 208 2.94 3.92 -2.87
N ASN A 209 1.67 4.29 -2.76
CA ASN A 209 1.16 5.31 -3.68
C ASN A 209 -0.06 5.97 -3.09
N VAL A 210 -0.41 7.11 -3.66
CA VAL A 210 -1.72 7.71 -3.41
C VAL A 210 -2.37 7.98 -4.77
N ALA A 211 -3.44 7.24 -5.08
CA ALA A 211 -4.19 7.52 -6.30
C ALA A 211 -5.23 8.61 -6.03
N VAL A 212 -5.63 9.29 -7.10
CA VAL A 212 -6.70 10.29 -7.02
C VAL A 212 -7.72 9.87 -8.05
N GLY A 213 -8.91 9.49 -7.59
CA GLY A 213 -9.97 9.03 -8.47
C GLY A 213 -9.86 7.55 -8.78
N GLY A 214 -10.99 6.95 -9.10
CA GLY A 214 -11.00 5.54 -9.46
C GLY A 214 -12.41 5.02 -9.35
N GLN A 215 -12.67 3.89 -9.98
CA GLN A 215 -14.00 3.30 -9.90
C GLN A 215 -14.41 3.01 -8.47
N TRP A 216 -13.46 2.50 -7.67
CA TRP A 216 -13.79 2.18 -6.28
C TRP A 216 -13.96 3.44 -5.41
N PRO A 217 -12.91 4.29 -5.32
CA PRO A 217 -13.04 5.46 -4.44
C PRO A 217 -14.00 6.53 -4.95
N GLY A 218 -14.32 6.52 -6.24
CA GLY A 218 -15.01 7.65 -6.83
C GLY A 218 -14.01 8.79 -7.02
N TYR A 219 -14.55 9.99 -7.21
CA TYR A 219 -13.75 11.13 -7.68
C TYR A 219 -13.81 12.33 -6.75
N PRO A 220 -12.82 13.22 -6.85
CA PRO A 220 -12.88 14.39 -5.98
C PRO A 220 -14.20 15.15 -6.14
N ASP A 221 -14.67 15.73 -5.04
CA ASP A 221 -15.82 16.60 -5.11
C ASP A 221 -15.48 17.92 -4.41
N GLY A 222 -16.50 18.74 -4.15
CA GLY A 222 -16.25 20.04 -3.55
C GLY A 222 -15.76 20.02 -2.11
N THR A 223 -15.74 18.83 -1.49
CA THR A 223 -15.29 18.72 -0.10
C THR A 223 -13.84 18.26 -0.02
N THR A 224 -13.30 17.79 -1.14
CA THR A 224 -11.93 17.30 -1.16
C THR A 224 -10.97 18.45 -0.93
N GLN A 225 -10.10 18.30 0.08
CA GLN A 225 -9.13 19.34 0.41
CA GLN A 225 -9.14 19.35 0.40
C GLN A 225 -7.73 18.93 -0.01
N LEU A 226 -7.27 19.46 -1.14
CA LEU A 226 -5.92 19.19 -1.59
C LEU A 226 -5.05 20.40 -1.27
N PRO A 227 -3.76 20.18 -1.03
CA PRO A 227 -3.03 18.92 -1.13
C PRO A 227 -3.29 17.98 0.04
N GLN A 228 -3.10 16.68 -0.21
CA GLN A 228 -3.21 15.68 0.82
C GLN A 228 -1.90 14.92 0.95
N GLN A 229 -1.50 14.63 2.19
CA GLN A 229 -0.24 13.94 2.47
C GLN A 229 -0.46 12.53 3.01
N MET A 230 0.28 11.57 2.49
CA MET A 230 0.44 10.28 3.16
C MET A 230 1.83 10.31 3.79
N LYS A 231 1.91 10.11 5.11
CA LYS A 231 3.21 10.15 5.78
C LYS A 231 3.57 8.71 6.15
N VAL A 232 4.77 8.29 5.79
CA VAL A 232 5.21 6.93 6.09
C VAL A 232 6.44 7.00 6.99
N ASP A 233 6.31 6.53 8.22
CA ASP A 233 7.40 6.57 9.19
C ASP A 233 8.45 5.51 8.87
N TYR A 234 8.02 4.34 8.44
CA TYR A 234 8.95 3.28 8.09
C TYR A 234 8.26 2.22 7.25
N VAL A 235 9.08 1.47 6.51
CA VAL A 235 8.67 0.20 5.93
C VAL A 235 9.69 -0.81 6.47
N ARG A 236 9.21 -1.88 7.10
CA ARG A 236 10.09 -2.86 7.75
C ARG A 236 9.74 -4.28 7.37
N VAL A 237 10.74 -5.16 7.34
CA VAL A 237 10.49 -6.59 7.18
C VAL A 237 11.12 -7.30 8.37
N TYR A 238 10.27 -7.94 9.17
CA TYR A 238 10.72 -8.66 10.35
C TYR A 238 10.78 -10.16 10.08
N ASP A 239 11.77 -10.82 10.65
CA ASP A 239 11.87 -12.27 10.62
CA ASP A 239 11.83 -12.27 10.57
C ASP A 239 10.63 -12.88 11.28
N ASN A 240 9.99 -13.85 10.64
CA ASN A 240 8.85 -14.53 11.27
C ASN A 240 8.99 -16.04 11.28
N GLY A 241 10.23 -16.51 11.17
CA GLY A 241 10.53 -17.93 11.26
C GLY A 241 10.49 -18.64 9.92
N SER A 242 10.38 -17.87 8.85
CA SER A 242 10.37 -18.46 7.50
C SER A 242 11.78 -18.60 6.93
#